data_1V18
#
_entry.id   1V18
#
_cell.length_a   50.830
_cell.length_b   90.060
_cell.length_c   122.810
_cell.angle_alpha   90.00
_cell.angle_beta   90.00
_cell.angle_gamma   90.00
#
_symmetry.space_group_name_H-M   'P 21 21 21'
#
loop_
_entity.id
_entity.type
_entity.pdbx_description
1 polymer BETA-CATENIN
2 polymer 'ADENOMATOUS POLYPOSIS COLI'
3 water water
#
loop_
_entity_poly.entity_id
_entity_poly.type
_entity_poly.pdbx_seq_one_letter_code
_entity_poly.pdbx_strand_id
1 'polypeptide(L)'
;HAVVNLINYQDDAELATRAIPELTKLLNDEDQVVVNKAAVMVHQLSKKEASRHAIMRSPQMVSAIVRTMQNTNDVETARC
TAGTLHNLSHHREGLLAIFKSGGIPALVKMLGSPVDSVLFYAITTLHNLLLHQEGAKMAVRLAGGLQKMVALLNKTNVKF
LAITTDCLQILAYGNQESKLIILASGGPQALVNIMRTYTYEKLLWTTSRVLKVLSVCSSNKPAIVEAGGMQALGLHLTDP
SQRLVQNCLWTLRNLSDAATKQEGMEGLLGTLVQLLGSDDINVVTCAAGILSNLTCNNYKNKMMVCQVGGIEALVRTVLR
AGDREDITEPAICALRHLTSRHQEAEMAQNAVRLHYGLPVVVKLLHPPSHWPLIKATVGLIRNLALCPANHAPLREQGAI
PRLVQLLVRAHQDTQRRTSMGGTQQQFVEGVRMEEIVEGCTGALHILARDVHNRIVIRGLNTIPLFVQLLYSPIENIQRV
AAGVLCELAQDKEAAEAIEAEGATAPLTELLHSRNEGVATYAAAVLFRMSEDKPQDYK
;
A
2 'polypeptide(L)' LPDADTLLHFATESTPDGFSCS(SEP)(SEP)L(SEP)AL(SEP)LDEPFIQKDVELRIMPPV B
#
# COMPACT_ATOMS: atom_id res chain seq x y z
N THR A 17 -9.55 25.30 48.88
CA THR A 17 -10.48 25.96 49.84
C THR A 17 -10.04 27.39 50.10
N ARG A 18 -8.90 27.77 49.53
CA ARG A 18 -8.37 29.12 49.73
C ARG A 18 -8.21 29.90 48.43
N ALA A 19 -7.20 29.55 47.64
CA ALA A 19 -6.91 30.23 46.38
C ALA A 19 -7.83 29.79 45.25
N ILE A 20 -7.99 28.48 45.08
CA ILE A 20 -8.82 27.94 44.01
C ILE A 20 -10.24 28.51 43.99
N PRO A 21 -11.01 28.31 45.07
CA PRO A 21 -12.39 28.83 45.10
C PRO A 21 -12.45 30.32 44.79
N GLU A 22 -11.52 31.07 45.36
CA GLU A 22 -11.47 32.50 45.15
C GLU A 22 -11.16 32.87 43.69
N LEU A 23 -10.07 32.32 43.16
CA LEU A 23 -9.71 32.60 41.78
C LEU A 23 -10.81 32.21 40.81
N THR A 24 -11.53 31.14 41.16
CA THR A 24 -12.62 30.66 40.32
C THR A 24 -13.69 31.74 40.22
N LYS A 25 -14.00 32.35 41.37
CA LYS A 25 -15.00 33.41 41.40
C LYS A 25 -14.50 34.61 40.60
N LEU A 26 -13.21 34.91 40.74
CA LEU A 26 -12.61 36.02 40.02
C LEU A 26 -12.64 35.80 38.52
N LEU A 27 -12.43 34.56 38.09
CA LEU A 27 -12.46 34.22 36.67
C LEU A 27 -13.86 34.43 36.10
N ASN A 28 -14.87 34.23 36.94
CA ASN A 28 -16.25 34.41 36.51
C ASN A 28 -16.74 35.83 36.76
N ASP A 29 -15.84 36.71 37.19
CA ASP A 29 -16.21 38.11 37.46
C ASP A 29 -16.71 38.77 36.19
N GLU A 30 -17.64 39.72 36.34
CA GLU A 30 -18.21 40.42 35.18
C GLU A 30 -17.22 41.42 34.58
N ASP A 31 -16.32 41.93 35.41
CA ASP A 31 -15.31 42.87 34.94
C ASP A 31 -14.09 42.11 34.42
N GLN A 32 -13.77 42.32 33.16
CA GLN A 32 -12.64 41.65 32.53
C GLN A 32 -11.28 41.92 33.18
N VAL A 33 -11.09 43.15 33.67
CA VAL A 33 -9.82 43.49 34.31
C VAL A 33 -9.52 42.49 35.42
N VAL A 34 -10.54 42.19 36.23
CA VAL A 34 -10.41 41.24 37.33
C VAL A 34 -10.18 39.84 36.76
N VAL A 35 -10.84 39.55 35.65
CA VAL A 35 -10.73 38.25 34.99
C VAL A 35 -9.30 38.00 34.49
N ASN A 36 -8.79 38.97 33.74
CA ASN A 36 -7.45 38.87 33.18
C ASN A 36 -6.40 38.70 34.27
N LYS A 37 -6.55 39.44 35.36
CA LYS A 37 -5.60 39.34 36.45
C LYS A 37 -5.66 37.94 37.07
N ALA A 38 -6.85 37.37 37.11
CA ALA A 38 -7.03 36.02 37.68
C ALA A 38 -6.37 34.99 36.78
N ALA A 39 -6.53 35.17 35.47
CA ALA A 39 -5.95 34.26 34.50
C ALA A 39 -4.44 34.16 34.66
N VAL A 40 -3.80 35.29 34.99
CA VAL A 40 -2.36 35.32 35.18
C VAL A 40 -1.93 34.53 36.41
N MET A 41 -2.66 34.69 37.52
CA MET A 41 -2.31 33.97 38.74
C MET A 41 -2.58 32.49 38.59
N VAL A 42 -3.70 32.15 37.95
CA VAL A 42 -4.06 30.75 37.73
C VAL A 42 -2.95 30.07 36.93
N HIS A 43 -2.57 30.70 35.82
CA HIS A 43 -1.50 30.17 34.98
C HIS A 43 -0.25 29.99 35.82
N GLN A 44 0.07 30.99 36.64
CA GLN A 44 1.26 30.92 37.47
C GLN A 44 1.19 29.71 38.41
N LEU A 45 0.02 29.49 39.02
CA LEU A 45 -0.14 28.36 39.92
C LEU A 45 -0.03 27.02 39.19
N SER A 46 -0.44 27.00 37.92
CA SER A 46 -0.39 25.78 37.12
C SER A 46 1.05 25.34 36.84
N LYS A 47 1.99 26.25 37.05
CA LYS A 47 3.40 25.97 36.82
C LYS A 47 4.01 25.21 38.01
N LYS A 48 3.32 25.24 39.15
CA LYS A 48 3.79 24.56 40.34
C LYS A 48 2.94 23.30 40.57
N GLU A 49 3.62 22.19 40.83
CA GLU A 49 2.98 20.89 41.02
C GLU A 49 1.80 20.81 41.99
N ALA A 50 2.01 21.24 43.23
CA ALA A 50 0.95 21.18 44.23
C ALA A 50 -0.31 21.93 43.82
N SER A 51 -0.15 23.15 43.33
CA SER A 51 -1.30 23.95 42.92
C SER A 51 -1.89 23.53 41.57
N ARG A 52 -1.08 22.85 40.75
CA ARG A 52 -1.56 22.38 39.45
C ARG A 52 -2.57 21.28 39.74
N HIS A 53 -2.16 20.35 40.58
CA HIS A 53 -3.02 19.23 40.96
C HIS A 53 -4.28 19.78 41.62
N ALA A 54 -4.13 20.83 42.43
CA ALA A 54 -5.28 21.43 43.09
C ALA A 54 -6.25 22.00 42.04
N ILE A 55 -5.71 22.63 41.00
CA ILE A 55 -6.53 23.18 39.94
C ILE A 55 -7.30 22.09 39.20
N MET A 56 -6.60 21.01 38.83
CA MET A 56 -7.25 19.93 38.09
C MET A 56 -8.29 19.17 38.92
N ARG A 57 -8.27 19.37 40.23
CA ARG A 57 -9.21 18.71 41.13
C ARG A 57 -10.46 19.56 41.37
N SER A 58 -10.51 20.73 40.76
CA SER A 58 -11.67 21.60 40.93
C SER A 58 -12.50 21.72 39.67
N PRO A 59 -13.61 20.98 39.58
CA PRO A 59 -14.46 21.05 38.39
C PRO A 59 -14.81 22.49 37.98
N GLN A 60 -15.24 23.29 38.95
CA GLN A 60 -15.61 24.67 38.69
C GLN A 60 -14.44 25.52 38.18
N MET A 61 -13.25 25.27 38.70
CA MET A 61 -12.07 26.00 38.27
C MET A 61 -11.74 25.70 36.80
N VAL A 62 -11.52 24.43 36.48
CA VAL A 62 -11.21 24.02 35.10
C VAL A 62 -12.29 24.54 34.15
N SER A 63 -13.55 24.44 34.57
CA SER A 63 -14.67 24.91 33.77
C SER A 63 -14.57 26.42 33.51
N ALA A 64 -14.14 27.17 34.52
CA ALA A 64 -13.99 28.61 34.39
C ALA A 64 -12.80 28.91 33.49
N ILE A 65 -11.76 28.11 33.58
CA ILE A 65 -10.58 28.28 32.73
C ILE A 65 -11.02 28.13 31.28
N VAL A 66 -11.69 27.02 30.98
CA VAL A 66 -12.16 26.75 29.63
C VAL A 66 -13.08 27.83 29.07
N ARG A 67 -14.07 28.24 29.85
CA ARG A 67 -15.02 29.25 29.41
C ARG A 67 -14.29 30.56 29.12
N THR A 68 -13.39 30.95 30.01
CA THR A 68 -12.64 32.19 29.86
C THR A 68 -11.79 32.17 28.60
N MET A 69 -11.12 31.04 28.35
CA MET A 69 -10.27 30.91 27.18
C MET A 69 -11.01 31.09 25.87
N GLN A 70 -12.17 30.44 25.74
CA GLN A 70 -12.92 30.53 24.50
C GLN A 70 -13.85 31.72 24.38
N ASN A 71 -13.77 32.65 25.34
CA ASN A 71 -14.62 33.83 25.32
C ASN A 71 -13.86 35.14 25.43
N THR A 72 -12.69 35.11 26.07
CA THR A 72 -11.89 36.32 26.25
C THR A 72 -11.42 36.89 24.93
N ASN A 73 -11.23 38.21 24.91
CA ASN A 73 -10.76 38.89 23.72
C ASN A 73 -9.39 39.49 24.01
N ASP A 74 -8.83 39.10 25.15
CA ASP A 74 -7.51 39.57 25.58
C ASP A 74 -6.46 38.52 25.24
N VAL A 75 -5.60 38.82 24.27
CA VAL A 75 -4.56 37.87 23.87
C VAL A 75 -3.76 37.35 25.06
N GLU A 76 -3.54 38.20 26.05
CA GLU A 76 -2.79 37.79 27.22
C GLU A 76 -3.55 36.77 28.06
N THR A 77 -4.87 36.93 28.14
CA THR A 77 -5.72 36.04 28.90
C THR A 77 -5.85 34.71 28.17
N ALA A 78 -5.95 34.78 26.84
CA ALA A 78 -6.07 33.59 26.01
C ALA A 78 -4.78 32.76 26.11
N ARG A 79 -3.67 33.46 26.31
CA ARG A 79 -2.38 32.77 26.43
C ARG A 79 -2.25 32.09 27.78
N CYS A 80 -2.60 32.81 28.85
CA CYS A 80 -2.51 32.23 30.19
C CYS A 80 -3.47 31.06 30.40
N THR A 81 -4.68 31.17 29.85
CA THR A 81 -5.66 30.10 30.00
C THR A 81 -5.29 28.86 29.21
N ALA A 82 -4.92 29.04 27.95
CA ALA A 82 -4.51 27.92 27.10
C ALA A 82 -3.24 27.32 27.69
N GLY A 83 -2.39 28.19 28.25
CA GLY A 83 -1.15 27.73 28.84
C GLY A 83 -1.46 26.89 30.07
N THR A 84 -2.53 27.26 30.76
CA THR A 84 -2.96 26.52 31.96
C THR A 84 -3.45 25.12 31.60
N LEU A 85 -4.32 25.04 30.60
CA LEU A 85 -4.84 23.74 30.17
C LEU A 85 -3.69 22.89 29.67
N HIS A 86 -2.75 23.53 28.97
CA HIS A 86 -1.58 22.85 28.47
C HIS A 86 -0.82 22.18 29.61
N ASN A 87 -0.69 22.90 30.71
CA ASN A 87 0.04 22.35 31.85
C ASN A 87 -0.76 21.24 32.54
N LEU A 88 -2.09 21.36 32.55
CA LEU A 88 -2.93 20.36 33.16
C LEU A 88 -2.97 19.08 32.33
N SER A 89 -2.69 19.21 31.03
CA SER A 89 -2.73 18.07 30.12
C SER A 89 -1.61 17.03 30.31
N HIS A 90 -0.77 17.22 31.30
CA HIS A 90 0.31 16.27 31.55
C HIS A 90 -0.13 15.22 32.57
N HIS A 91 -1.33 15.38 33.11
CA HIS A 91 -1.83 14.45 34.12
C HIS A 91 -3.19 13.89 33.71
N ARG A 92 -3.43 12.62 34.06
CA ARG A 92 -4.68 11.96 33.74
C ARG A 92 -5.89 12.75 34.24
N GLU A 93 -5.80 13.24 35.48
CA GLU A 93 -6.89 14.01 36.06
C GLU A 93 -7.07 15.35 35.34
N GLY A 94 -5.97 15.90 34.83
CA GLY A 94 -6.07 17.16 34.09
C GLY A 94 -6.74 16.90 32.77
N LEU A 95 -6.27 15.88 32.06
CA LEU A 95 -6.84 15.52 30.77
C LEU A 95 -8.33 15.23 30.92
N LEU A 96 -8.70 14.53 32.00
CA LEU A 96 -10.11 14.21 32.21
C LEU A 96 -10.93 15.47 32.46
N ALA A 97 -10.39 16.36 33.29
CA ALA A 97 -11.08 17.61 33.60
C ALA A 97 -11.33 18.45 32.35
N ILE A 98 -10.29 18.62 31.54
CA ILE A 98 -10.39 19.38 30.30
C ILE A 98 -11.47 18.76 29.41
N PHE A 99 -11.44 17.44 29.31
CA PHE A 99 -12.41 16.71 28.49
C PHE A 99 -13.86 16.91 28.95
N LYS A 100 -14.08 16.82 30.26
CA LYS A 100 -15.42 16.97 30.81
C LYS A 100 -15.94 18.42 30.83
N SER A 101 -15.02 19.38 30.81
CA SER A 101 -15.42 20.78 30.86
C SER A 101 -15.62 21.46 29.52
N GLY A 102 -15.85 20.69 28.47
CA GLY A 102 -16.03 21.29 27.15
C GLY A 102 -14.72 21.80 26.61
N GLY A 103 -13.62 21.22 27.08
CA GLY A 103 -12.31 21.64 26.63
C GLY A 103 -12.04 21.50 25.14
N ILE A 104 -12.39 20.35 24.57
CA ILE A 104 -12.16 20.07 23.14
C ILE A 104 -12.71 21.17 22.22
N PRO A 105 -14.02 21.48 22.32
CA PRO A 105 -14.56 22.53 21.46
C PRO A 105 -13.78 23.84 21.62
N ALA A 106 -13.47 24.20 22.86
CA ALA A 106 -12.74 25.43 23.11
C ALA A 106 -11.34 25.43 22.47
N LEU A 107 -10.59 24.33 22.66
CA LEU A 107 -9.24 24.22 22.11
C LEU A 107 -9.23 24.25 20.59
N VAL A 108 -10.21 23.60 19.96
CA VAL A 108 -10.31 23.59 18.51
C VAL A 108 -10.50 25.01 18.00
N LYS A 109 -11.30 25.80 18.70
CA LYS A 109 -11.51 27.18 18.28
C LYS A 109 -10.18 27.93 18.36
N MET A 110 -9.44 27.70 19.43
CA MET A 110 -8.15 28.38 19.61
C MET A 110 -7.15 28.07 18.51
N LEU A 111 -7.36 26.97 17.78
CA LEU A 111 -6.47 26.62 16.68
C LEU A 111 -6.57 27.68 15.58
N GLY A 112 -7.54 28.59 15.71
CA GLY A 112 -7.69 29.65 14.73
C GLY A 112 -6.98 30.91 15.19
N SER A 113 -6.33 30.83 16.35
CA SER A 113 -5.63 31.97 16.92
C SER A 113 -4.48 32.49 16.05
N PRO A 114 -4.31 33.82 15.98
CA PRO A 114 -3.24 34.43 15.20
C PRO A 114 -1.98 34.47 16.05
N VAL A 115 -2.11 34.05 17.31
CA VAL A 115 -1.00 34.04 18.24
C VAL A 115 -0.34 32.66 18.27
N ASP A 116 0.97 32.63 18.02
CA ASP A 116 1.73 31.37 18.00
C ASP A 116 1.67 30.63 19.32
N SER A 117 1.83 31.38 20.41
CA SER A 117 1.78 30.82 21.74
C SER A 117 0.48 30.06 21.97
N VAL A 118 -0.63 30.75 21.73
CA VAL A 118 -1.96 30.18 21.91
C VAL A 118 -2.11 28.95 21.01
N LEU A 119 -1.68 29.08 19.76
CA LEU A 119 -1.78 27.98 18.83
C LEU A 119 -0.99 26.76 19.32
N PHE A 120 0.22 26.99 19.83
CA PHE A 120 1.07 25.89 20.29
C PHE A 120 0.51 25.19 21.54
N TYR A 121 -0.04 25.97 22.46
CA TYR A 121 -0.65 25.42 23.67
C TYR A 121 -1.80 24.53 23.27
N ALA A 122 -2.66 25.06 22.40
CA ALA A 122 -3.85 24.37 21.92
C ALA A 122 -3.60 23.06 21.21
N ILE A 123 -2.72 23.07 20.21
CA ILE A 123 -2.42 21.85 19.48
C ILE A 123 -1.73 20.81 20.38
N THR A 124 -0.92 21.29 21.32
CA THR A 124 -0.22 20.39 22.23
C THR A 124 -1.25 19.74 23.16
N THR A 125 -2.16 20.56 23.67
CA THR A 125 -3.19 20.08 24.56
C THR A 125 -4.08 19.07 23.84
N LEU A 126 -4.52 19.40 22.62
CA LEU A 126 -5.35 18.49 21.84
C LEU A 126 -4.61 17.18 21.54
N HIS A 127 -3.32 17.30 21.24
CA HIS A 127 -2.52 16.11 20.94
C HIS A 127 -2.44 15.18 22.15
N ASN A 128 -2.22 15.76 23.33
CA ASN A 128 -2.14 14.98 24.56
C ASN A 128 -3.47 14.29 24.83
N LEU A 129 -4.57 14.96 24.52
CA LEU A 129 -5.91 14.38 24.71
C LEU A 129 -6.12 13.20 23.75
N LEU A 130 -5.77 13.39 22.49
CA LEU A 130 -5.92 12.33 21.49
C LEU A 130 -5.07 11.11 21.83
N LEU A 131 -3.91 11.35 22.44
CA LEU A 131 -3.00 10.27 22.82
C LEU A 131 -3.40 9.51 24.07
N HIS A 132 -3.94 10.21 25.06
CA HIS A 132 -4.26 9.59 26.32
C HIS A 132 -5.66 9.71 26.87
N GLN A 133 -6.55 10.42 26.20
CA GLN A 133 -7.89 10.55 26.73
C GLN A 133 -8.92 9.82 25.88
N GLU A 134 -9.53 8.79 26.46
CA GLU A 134 -10.54 8.01 25.76
C GLU A 134 -11.74 8.91 25.48
N GLY A 135 -12.20 8.88 24.23
CA GLY A 135 -13.33 9.68 23.83
C GLY A 135 -12.91 10.98 23.15
N ALA A 136 -11.61 11.29 23.19
CA ALA A 136 -11.13 12.53 22.59
C ALA A 136 -11.24 12.52 21.08
N LYS A 137 -10.90 11.38 20.48
CA LYS A 137 -10.94 11.23 19.03
C LYS A 137 -12.28 11.66 18.46
N MET A 138 -13.35 11.10 18.99
CA MET A 138 -14.69 11.43 18.53
C MET A 138 -15.00 12.90 18.78
N ALA A 139 -14.63 13.39 19.96
CA ALA A 139 -14.89 14.79 20.32
C ALA A 139 -14.20 15.77 19.38
N VAL A 140 -12.93 15.50 19.08
CA VAL A 140 -12.19 16.37 18.18
C VAL A 140 -12.85 16.32 16.80
N ARG A 141 -13.15 15.11 16.31
CA ARG A 141 -13.80 14.97 15.01
C ARG A 141 -15.07 15.80 15.00
N LEU A 142 -15.91 15.57 16.01
CA LEU A 142 -17.18 16.26 16.15
C LEU A 142 -17.03 17.78 16.14
N ALA A 143 -16.04 18.30 16.87
CA ALA A 143 -15.82 19.73 16.95
C ALA A 143 -15.23 20.34 15.67
N GLY A 144 -14.97 19.51 14.68
CA GLY A 144 -14.42 20.00 13.43
C GLY A 144 -12.93 20.26 13.51
N GLY A 145 -12.23 19.50 14.34
CA GLY A 145 -10.79 19.66 14.49
C GLY A 145 -9.99 19.22 13.28
N LEU A 146 -10.48 18.24 12.53
CA LEU A 146 -9.78 17.77 11.35
C LEU A 146 -9.55 18.87 10.31
N GLN A 147 -10.61 19.62 10.01
CA GLN A 147 -10.51 20.70 9.02
C GLN A 147 -9.50 21.77 9.42
N LYS A 148 -9.52 22.21 10.67
CA LYS A 148 -8.59 23.24 11.12
C LYS A 148 -7.13 22.78 11.11
N MET A 149 -6.91 21.55 11.55
CA MET A 149 -5.56 20.99 11.57
C MET A 149 -5.00 20.94 10.16
N VAL A 150 -5.83 20.53 9.21
CA VAL A 150 -5.39 20.46 7.82
C VAL A 150 -5.09 21.87 7.32
N ALA A 151 -5.94 22.82 7.71
CA ALA A 151 -5.74 24.20 7.30
C ALA A 151 -4.45 24.76 7.88
N LEU A 152 -3.99 24.21 8.99
CA LEU A 152 -2.76 24.68 9.63
C LEU A 152 -1.48 24.12 9.01
N LEU A 153 -1.62 23.23 8.05
CA LEU A 153 -0.45 22.63 7.41
C LEU A 153 0.38 23.62 6.60
N ASN A 154 -0.14 24.83 6.41
CA ASN A 154 0.62 25.83 5.67
C ASN A 154 1.48 26.66 6.60
N LYS A 155 1.49 26.32 7.89
CA LYS A 155 2.32 27.02 8.85
C LYS A 155 3.76 26.57 8.55
N THR A 156 4.75 27.25 9.12
CA THR A 156 6.14 26.88 8.83
C THR A 156 6.99 26.38 9.98
N ASN A 157 6.45 26.33 11.18
CA ASN A 157 7.23 25.82 12.32
C ASN A 157 7.16 24.30 12.24
N VAL A 158 8.29 23.67 11.87
CA VAL A 158 8.34 22.22 11.71
C VAL A 158 7.95 21.37 12.92
N LYS A 159 8.25 21.84 14.13
CA LYS A 159 7.87 21.07 15.32
C LYS A 159 6.34 21.13 15.44
N PHE A 160 5.77 22.30 15.16
CA PHE A 160 4.33 22.49 15.19
C PHE A 160 3.68 21.57 14.17
N LEU A 161 4.23 21.56 12.96
CA LEU A 161 3.70 20.71 11.90
C LEU A 161 3.76 19.23 12.26
N ALA A 162 4.79 18.83 12.99
CA ALA A 162 4.95 17.43 13.37
C ALA A 162 3.83 17.00 14.32
N ILE A 163 3.51 17.85 15.29
CA ILE A 163 2.46 17.53 16.24
C ILE A 163 1.11 17.52 15.54
N THR A 164 0.90 18.51 14.67
CA THR A 164 -0.35 18.61 13.94
C THR A 164 -0.59 17.40 13.05
N THR A 165 0.43 17.04 12.26
CA THR A 165 0.29 15.90 11.39
C THR A 165 0.11 14.64 12.24
N ASP A 166 0.70 14.60 13.43
CA ASP A 166 0.52 13.41 14.27
C ASP A 166 -0.93 13.32 14.71
N CYS A 167 -1.56 14.47 14.98
CA CYS A 167 -2.96 14.48 15.39
C CYS A 167 -3.80 13.87 14.28
N LEU A 168 -3.52 14.28 13.03
CA LEU A 168 -4.25 13.77 11.87
C LEU A 168 -4.10 12.25 11.73
N GLN A 169 -2.88 11.74 11.94
CA GLN A 169 -2.65 10.30 11.86
C GLN A 169 -3.51 9.57 12.86
N ILE A 170 -3.57 10.08 14.09
CA ILE A 170 -4.36 9.46 15.15
C ILE A 170 -5.86 9.47 14.81
N LEU A 171 -6.33 10.58 14.27
CA LEU A 171 -7.74 10.74 13.91
C LEU A 171 -8.16 9.96 12.66
N ALA A 172 -7.25 9.81 11.71
CA ALA A 172 -7.57 9.11 10.46
C ALA A 172 -7.40 7.60 10.52
N TYR A 173 -6.49 7.13 11.35
CA TYR A 173 -6.25 5.70 11.46
C TYR A 173 -7.53 4.88 11.61
N GLY A 174 -7.74 3.99 10.64
CA GLY A 174 -8.89 3.11 10.65
C GLY A 174 -10.26 3.76 10.59
N ASN A 175 -10.30 5.07 10.39
CA ASN A 175 -11.58 5.77 10.34
C ASN A 175 -11.76 6.41 8.97
N GLN A 176 -12.55 5.75 8.12
CA GLN A 176 -12.81 6.21 6.76
C GLN A 176 -13.40 7.62 6.65
N GLU A 177 -14.32 7.99 7.53
CA GLU A 177 -14.91 9.32 7.46
C GLU A 177 -13.88 10.42 7.69
N SER A 178 -12.98 10.22 8.65
CA SER A 178 -11.94 11.21 8.92
C SER A 178 -11.02 11.32 7.70
N LYS A 179 -10.75 10.20 7.04
CA LYS A 179 -9.90 10.22 5.86
C LYS A 179 -10.51 11.06 4.74
N LEU A 180 -11.83 10.94 4.55
CA LEU A 180 -12.51 11.70 3.50
C LEU A 180 -12.55 13.18 3.84
N ILE A 181 -12.71 13.50 5.12
CA ILE A 181 -12.74 14.90 5.56
C ILE A 181 -11.36 15.54 5.31
N ILE A 182 -10.30 14.77 5.52
CA ILE A 182 -8.97 15.28 5.31
C ILE A 182 -8.81 15.57 3.82
N LEU A 183 -9.37 14.68 3.00
CA LEU A 183 -9.35 14.80 1.55
C LEU A 183 -10.11 16.05 1.11
N ALA A 184 -11.36 16.16 1.55
CA ALA A 184 -12.20 17.29 1.20
C ALA A 184 -11.56 18.60 1.65
N SER A 185 -10.75 18.53 2.69
CA SER A 185 -10.11 19.73 3.21
C SER A 185 -8.84 20.13 2.45
N GLY A 186 -8.40 19.30 1.52
CA GLY A 186 -7.18 19.60 0.77
C GLY A 186 -5.95 19.00 1.43
N GLY A 187 -6.18 17.98 2.26
CA GLY A 187 -5.10 17.33 2.97
C GLY A 187 -3.98 16.78 2.10
N PRO A 188 -4.29 15.91 1.13
CA PRO A 188 -3.27 15.31 0.26
C PRO A 188 -2.24 16.32 -0.26
N GLN A 189 -2.74 17.37 -0.91
CA GLN A 189 -1.87 18.42 -1.45
C GLN A 189 -0.92 18.96 -0.41
N ALA A 190 -1.48 19.39 0.72
CA ALA A 190 -0.71 19.97 1.82
C ALA A 190 0.32 19.01 2.40
N LEU A 191 -0.05 17.74 2.52
CA LEU A 191 0.84 16.73 3.07
C LEU A 191 1.99 16.45 2.10
N VAL A 192 1.68 16.39 0.81
CA VAL A 192 2.71 16.13 -0.18
C VAL A 192 3.71 17.28 -0.18
N ASN A 193 3.20 18.50 -0.04
CA ASN A 193 4.06 19.68 0.00
C ASN A 193 5.06 19.55 1.13
N ILE A 194 4.62 19.03 2.27
CA ILE A 194 5.51 18.84 3.42
C ILE A 194 6.67 17.91 3.02
N MET A 195 6.33 16.77 2.42
CA MET A 195 7.34 15.79 2.02
C MET A 195 8.34 16.37 1.03
N ARG A 196 7.83 17.20 0.14
CA ARG A 196 8.64 17.83 -0.89
C ARG A 196 9.42 19.03 -0.37
N THR A 197 9.00 19.57 0.76
CA THR A 197 9.61 20.77 1.32
C THR A 197 10.62 20.73 2.47
N TYR A 198 10.34 19.97 3.51
CA TYR A 198 11.22 19.95 4.69
C TYR A 198 12.23 18.80 4.79
N THR A 199 13.13 18.91 5.76
CA THR A 199 14.15 17.89 6.01
C THR A 199 14.12 17.41 7.45
N TYR A 200 13.25 17.98 8.26
CA TYR A 200 13.15 17.59 9.67
C TYR A 200 12.59 16.15 9.69
N GLU A 201 13.41 15.19 10.13
CA GLU A 201 13.01 13.78 10.13
C GLU A 201 11.68 13.46 10.83
N LYS A 202 11.49 13.99 12.03
CA LYS A 202 10.27 13.72 12.77
C LYS A 202 9.01 14.17 12.04
N LEU A 203 9.10 15.26 11.30
CA LEU A 203 7.96 15.76 10.55
C LEU A 203 7.73 14.91 9.30
N LEU A 204 8.82 14.57 8.60
CA LEU A 204 8.69 13.76 7.41
C LEU A 204 8.06 12.42 7.78
N TRP A 205 8.54 11.84 8.87
CA TRP A 205 8.05 10.56 9.35
C TRP A 205 6.55 10.59 9.67
N THR A 206 6.14 11.50 10.55
CA THR A 206 4.72 11.60 10.91
C THR A 206 3.86 11.88 9.69
N THR A 207 4.34 12.77 8.82
CA THR A 207 3.60 13.10 7.60
C THR A 207 3.51 11.89 6.68
N SER A 208 4.58 11.10 6.60
CA SER A 208 4.52 9.94 5.73
C SER A 208 3.54 8.95 6.35
N ARG A 209 3.33 9.02 7.66
CA ARG A 209 2.39 8.10 8.30
C ARG A 209 0.94 8.46 7.98
N VAL A 210 0.67 9.76 7.85
CA VAL A 210 -0.67 10.21 7.52
C VAL A 210 -0.98 9.80 6.07
N LEU A 211 -0.03 10.02 5.18
CA LEU A 211 -0.20 9.66 3.79
C LEU A 211 -0.43 8.15 3.70
N LYS A 212 0.29 7.39 4.52
CA LYS A 212 0.12 5.94 4.51
C LYS A 212 -1.31 5.56 4.86
N VAL A 213 -1.82 6.10 5.96
CA VAL A 213 -3.19 5.81 6.37
C VAL A 213 -4.18 6.28 5.30
N LEU A 214 -3.92 7.43 4.67
CA LEU A 214 -4.83 7.93 3.62
C LEU A 214 -4.74 7.10 2.33
N SER A 215 -3.57 6.54 2.03
CA SER A 215 -3.37 5.76 0.80
C SER A 215 -4.13 4.44 0.82
N VAL A 216 -4.75 4.13 1.95
CA VAL A 216 -5.52 2.91 2.09
C VAL A 216 -6.90 3.13 1.50
N CYS A 217 -7.33 4.39 1.47
CA CYS A 217 -8.63 4.78 0.92
C CYS A 217 -8.55 4.99 -0.59
N SER A 218 -9.24 4.15 -1.33
CA SER A 218 -9.24 4.23 -2.79
C SER A 218 -9.63 5.61 -3.33
N SER A 219 -10.25 6.44 -2.50
CA SER A 219 -10.67 7.79 -2.91
C SER A 219 -9.58 8.82 -2.67
N ASN A 220 -8.67 8.54 -1.75
CA ASN A 220 -7.58 9.45 -1.45
C ASN A 220 -6.42 9.26 -2.43
N LYS A 221 -6.29 8.05 -2.98
CA LYS A 221 -5.20 7.74 -3.91
C LYS A 221 -5.02 8.72 -5.06
N PRO A 222 -6.08 8.95 -5.85
CA PRO A 222 -5.96 9.88 -6.98
C PRO A 222 -5.44 11.25 -6.54
N ALA A 223 -6.03 11.77 -5.47
CA ALA A 223 -5.64 13.08 -4.97
C ALA A 223 -4.15 13.14 -4.64
N ILE A 224 -3.65 12.10 -3.98
CA ILE A 224 -2.25 12.05 -3.59
C ILE A 224 -1.32 11.87 -4.80
N VAL A 225 -1.71 11.01 -5.73
CA VAL A 225 -0.90 10.76 -6.92
C VAL A 225 -0.83 11.98 -7.83
N GLU A 226 -1.97 12.62 -8.06
CA GLU A 226 -2.03 13.79 -8.92
C GLU A 226 -1.24 14.95 -8.32
N ALA A 227 -1.15 14.98 -7.00
CA ALA A 227 -0.41 16.04 -6.32
C ALA A 227 1.10 15.81 -6.41
N GLY A 228 1.51 14.73 -7.05
CA GLY A 228 2.92 14.42 -7.17
C GLY A 228 3.45 13.67 -5.96
N GLY A 229 2.56 12.97 -5.27
CA GLY A 229 2.95 12.21 -4.09
C GLY A 229 3.95 11.10 -4.32
N MET A 230 3.87 10.44 -5.48
CA MET A 230 4.80 9.35 -5.77
C MET A 230 6.23 9.89 -5.76
N GLN A 231 6.43 11.06 -6.36
CA GLN A 231 7.75 11.66 -6.41
C GLN A 231 8.20 12.20 -5.05
N ALA A 232 7.29 12.87 -4.35
CA ALA A 232 7.58 13.43 -3.04
C ALA A 232 8.04 12.35 -2.07
N LEU A 233 7.35 11.21 -2.09
CA LEU A 233 7.71 10.09 -1.21
C LEU A 233 8.99 9.44 -1.72
N GLY A 234 9.16 9.38 -3.03
CA GLY A 234 10.36 8.77 -3.59
C GLY A 234 11.62 9.48 -3.15
N LEU A 235 11.51 10.77 -2.88
CA LEU A 235 12.63 11.60 -2.45
C LEU A 235 13.37 11.16 -1.20
N HIS A 236 12.69 10.46 -0.31
CA HIS A 236 13.31 10.05 0.94
C HIS A 236 13.71 8.58 1.04
N LEU A 237 13.62 7.86 -0.07
CA LEU A 237 13.94 6.45 -0.09
C LEU A 237 15.36 6.04 0.29
N THR A 238 16.27 7.00 0.39
CA THR A 238 17.65 6.68 0.77
C THR A 238 18.05 7.51 1.97
N ASP A 239 17.05 7.93 2.75
CA ASP A 239 17.32 8.72 3.94
C ASP A 239 17.86 7.80 5.02
N PRO A 240 18.67 8.34 5.94
CA PRO A 240 19.26 7.56 7.03
C PRO A 240 18.18 6.96 7.94
N SER A 241 17.01 7.60 8.00
CA SER A 241 15.94 7.12 8.85
C SER A 241 15.19 5.93 8.24
N GLN A 242 15.38 4.75 8.82
CA GLN A 242 14.72 3.58 8.31
C GLN A 242 13.20 3.63 8.44
N ARG A 243 12.71 4.20 9.54
CA ARG A 243 11.27 4.29 9.73
C ARG A 243 10.71 5.24 8.68
N LEU A 244 11.48 6.26 8.30
CA LEU A 244 11.01 7.19 7.27
C LEU A 244 10.95 6.47 5.93
N VAL A 245 12.05 5.81 5.58
CA VAL A 245 12.14 5.07 4.32
C VAL A 245 11.02 4.04 4.20
N GLN A 246 10.84 3.22 5.23
CA GLN A 246 9.80 2.17 5.20
C GLN A 246 8.38 2.72 5.08
N ASN A 247 8.07 3.79 5.82
CA ASN A 247 6.72 4.35 5.74
C ASN A 247 6.46 4.92 4.35
N CYS A 248 7.49 5.47 3.72
CA CYS A 248 7.33 6.00 2.38
C CYS A 248 7.07 4.82 1.42
N LEU A 249 7.74 3.70 1.67
CA LEU A 249 7.54 2.52 0.81
C LEU A 249 6.13 1.94 0.97
N TRP A 250 5.66 1.83 2.22
CA TRP A 250 4.33 1.29 2.47
C TRP A 250 3.32 2.13 1.71
N THR A 251 3.48 3.45 1.79
CA THR A 251 2.59 4.39 1.13
C THR A 251 2.68 4.29 -0.37
N LEU A 252 3.90 4.26 -0.88
CA LEU A 252 4.10 4.16 -2.32
C LEU A 252 3.46 2.87 -2.84
N ARG A 253 3.58 1.79 -2.08
CA ARG A 253 3.00 0.52 -2.52
C ARG A 253 1.47 0.55 -2.57
N ASN A 254 0.87 1.21 -1.58
CA ASN A 254 -0.59 1.34 -1.51
C ASN A 254 -1.08 2.16 -2.70
N LEU A 255 -0.28 3.15 -3.07
CA LEU A 255 -0.64 4.04 -4.17
C LEU A 255 -0.34 3.46 -5.54
N SER A 256 0.74 2.68 -5.66
CA SER A 256 1.16 2.12 -6.94
C SER A 256 0.07 1.63 -7.90
N ASP A 257 -0.98 1.00 -7.40
CA ASP A 257 -2.01 0.51 -8.31
C ASP A 257 -2.83 1.64 -8.91
N ALA A 258 -2.67 2.85 -8.37
CA ALA A 258 -3.40 4.01 -8.87
C ALA A 258 -2.46 4.95 -9.62
N ALA A 259 -1.20 4.56 -9.76
CA ALA A 259 -0.24 5.41 -10.43
C ALA A 259 0.40 4.77 -11.65
N THR A 260 -0.26 3.76 -12.21
CA THR A 260 0.31 3.07 -13.37
C THR A 260 0.27 3.90 -14.64
N LYS A 261 -0.44 5.02 -14.62
CA LYS A 261 -0.54 5.88 -15.81
C LYS A 261 0.25 7.17 -15.66
N GLN A 262 0.87 7.37 -14.50
CA GLN A 262 1.65 8.57 -14.24
C GLN A 262 2.92 8.69 -15.07
N GLU A 263 3.19 9.90 -15.56
CA GLU A 263 4.40 10.16 -16.33
C GLU A 263 5.45 10.66 -15.35
N GLY A 264 6.72 10.45 -15.69
CA GLY A 264 7.80 10.91 -14.82
C GLY A 264 8.19 10.03 -13.65
N MET A 265 8.07 8.71 -13.80
CA MET A 265 8.42 7.78 -12.72
C MET A 265 9.84 7.22 -12.92
N GLU A 266 10.54 7.71 -13.94
CA GLU A 266 11.90 7.25 -14.24
C GLU A 266 12.83 7.30 -13.03
N GLY A 267 12.89 8.46 -12.38
CA GLY A 267 13.75 8.60 -11.22
C GLY A 267 13.41 7.63 -10.10
N LEU A 268 12.12 7.52 -9.79
CA LEU A 268 11.67 6.60 -8.75
C LEU A 268 12.00 5.15 -9.10
N LEU A 269 11.76 4.78 -10.34
CA LEU A 269 12.02 3.42 -10.79
C LEU A 269 13.47 3.01 -10.59
N GLY A 270 14.40 3.93 -10.86
CA GLY A 270 15.80 3.62 -10.68
C GLY A 270 16.07 3.30 -9.22
N THR A 271 15.63 4.17 -8.33
CA THR A 271 15.81 3.99 -6.90
C THR A 271 15.19 2.68 -6.43
N LEU A 272 13.97 2.40 -6.89
CA LEU A 272 13.27 1.16 -6.54
C LEU A 272 14.05 -0.09 -6.95
N VAL A 273 14.59 -0.09 -8.16
CA VAL A 273 15.35 -1.25 -8.61
C VAL A 273 16.57 -1.43 -7.70
N GLN A 274 17.15 -0.32 -7.26
CA GLN A 274 18.30 -0.36 -6.36
C GLN A 274 17.89 -0.92 -5.01
N LEU A 275 16.70 -0.55 -4.55
CA LEU A 275 16.19 -1.02 -3.27
C LEU A 275 15.96 -2.53 -3.23
N LEU A 276 15.89 -3.16 -4.40
CA LEU A 276 15.68 -4.61 -4.45
C LEU A 276 16.86 -5.35 -3.83
N GLY A 277 17.99 -4.66 -3.73
CA GLY A 277 19.19 -5.27 -3.16
C GLY A 277 19.34 -4.97 -1.67
N SER A 278 18.28 -4.49 -1.04
CA SER A 278 18.30 -4.16 0.39
C SER A 278 18.35 -5.43 1.24
N ASP A 279 18.87 -5.30 2.46
CA ASP A 279 18.95 -6.45 3.38
C ASP A 279 17.67 -6.50 4.21
N ASP A 280 16.92 -5.42 4.14
CA ASP A 280 15.67 -5.28 4.88
C ASP A 280 14.51 -5.92 4.10
N ILE A 281 13.89 -6.94 4.69
CA ILE A 281 12.79 -7.64 4.05
C ILE A 281 11.64 -6.72 3.64
N ASN A 282 11.19 -5.89 4.57
CA ASN A 282 10.10 -4.97 4.28
C ASN A 282 10.44 -4.01 3.14
N VAL A 283 11.71 -3.64 3.01
CA VAL A 283 12.10 -2.74 1.94
C VAL A 283 12.00 -3.47 0.59
N VAL A 284 12.56 -4.67 0.53
CA VAL A 284 12.52 -5.46 -0.70
C VAL A 284 11.08 -5.81 -1.11
N THR A 285 10.27 -6.18 -0.12
CA THR A 285 8.87 -6.55 -0.38
C THR A 285 8.13 -5.40 -1.05
N CYS A 286 8.30 -4.19 -0.52
CA CYS A 286 7.65 -3.02 -1.09
C CYS A 286 8.23 -2.64 -2.43
N ALA A 287 9.56 -2.74 -2.57
CA ALA A 287 10.20 -2.39 -3.83
C ALA A 287 9.62 -3.27 -4.93
N ALA A 288 9.53 -4.57 -4.66
CA ALA A 288 9.00 -5.51 -5.65
C ALA A 288 7.52 -5.24 -5.95
N GLY A 289 6.72 -5.01 -4.92
CA GLY A 289 5.31 -4.74 -5.13
C GLY A 289 5.04 -3.48 -5.94
N ILE A 290 5.80 -2.43 -5.66
CA ILE A 290 5.64 -1.17 -6.39
C ILE A 290 6.06 -1.35 -7.84
N LEU A 291 7.17 -2.04 -8.07
CA LEU A 291 7.66 -2.30 -9.41
C LEU A 291 6.66 -3.09 -10.24
N SER A 292 6.04 -4.09 -9.62
CA SER A 292 5.07 -4.91 -10.32
C SER A 292 3.89 -4.06 -10.82
N ASN A 293 3.37 -3.20 -9.97
CA ASN A 293 2.26 -2.36 -10.39
C ASN A 293 2.66 -1.30 -11.40
N LEU A 294 3.81 -0.66 -11.19
CA LEU A 294 4.24 0.38 -12.10
C LEU A 294 4.63 -0.16 -13.47
N THR A 295 4.93 -1.44 -13.54
CA THR A 295 5.29 -2.08 -14.82
C THR A 295 4.06 -2.73 -15.45
N CYS A 296 2.89 -2.44 -14.90
CA CYS A 296 1.65 -2.99 -15.42
C CYS A 296 1.15 -2.12 -16.58
N ASN A 297 1.19 -2.66 -17.80
CA ASN A 297 0.73 -1.98 -18.99
C ASN A 297 1.37 -0.62 -19.31
N ASN A 298 2.57 -0.38 -18.79
CA ASN A 298 3.23 0.89 -19.05
C ASN A 298 4.57 0.59 -19.71
N TYR A 299 4.60 0.65 -21.04
CA TYR A 299 5.80 0.36 -21.80
C TYR A 299 6.98 1.26 -21.42
N LYS A 300 6.69 2.52 -21.09
CA LYS A 300 7.75 3.45 -20.70
C LYS A 300 8.41 2.98 -19.41
N ASN A 301 7.59 2.59 -18.44
CA ASN A 301 8.14 2.13 -17.18
C ASN A 301 8.88 0.81 -17.36
N LYS A 302 8.35 -0.07 -18.21
CA LYS A 302 9.00 -1.35 -18.46
C LYS A 302 10.38 -1.15 -19.06
N MET A 303 10.49 -0.19 -19.99
CA MET A 303 11.77 0.09 -20.65
C MET A 303 12.80 0.62 -19.67
N MET A 304 12.36 1.54 -18.80
CA MET A 304 13.25 2.15 -17.81
C MET A 304 13.76 1.10 -16.81
N VAL A 305 12.87 0.19 -16.42
CA VAL A 305 13.26 -0.84 -15.48
C VAL A 305 14.29 -1.78 -16.12
N CYS A 306 14.10 -2.11 -17.40
CA CYS A 306 15.05 -2.98 -18.08
C CYS A 306 16.38 -2.26 -18.20
N GLN A 307 16.29 -0.98 -18.57
CA GLN A 307 17.45 -0.13 -18.75
C GLN A 307 18.40 -0.08 -17.55
N VAL A 308 17.87 -0.10 -16.34
CA VAL A 308 18.74 -0.04 -15.17
C VAL A 308 19.06 -1.39 -14.53
N GLY A 309 18.95 -2.46 -15.31
CA GLY A 309 19.26 -3.79 -14.79
C GLY A 309 18.16 -4.39 -13.94
N GLY A 310 16.92 -4.02 -14.23
CA GLY A 310 15.79 -4.54 -13.49
C GLY A 310 15.65 -6.05 -13.60
N ILE A 311 15.93 -6.61 -14.77
CA ILE A 311 15.77 -8.06 -14.93
C ILE A 311 16.71 -8.77 -13.96
N GLU A 312 17.99 -8.40 -14.00
CA GLU A 312 18.95 -9.04 -13.10
C GLU A 312 18.59 -8.81 -11.65
N ALA A 313 18.21 -7.58 -11.31
CA ALA A 313 17.86 -7.26 -9.95
C ALA A 313 16.68 -8.09 -9.46
N LEU A 314 15.69 -8.32 -10.34
CA LEU A 314 14.51 -9.10 -9.96
C LEU A 314 14.83 -10.59 -9.85
N VAL A 315 15.67 -11.11 -10.74
CA VAL A 315 16.04 -12.51 -10.67
C VAL A 315 16.77 -12.72 -9.33
N ARG A 316 17.71 -11.85 -9.01
CA ARG A 316 18.44 -11.96 -7.75
C ARG A 316 17.49 -11.92 -6.55
N THR A 317 16.48 -11.06 -6.61
CA THR A 317 15.51 -10.94 -5.52
C THR A 317 14.74 -12.23 -5.30
N VAL A 318 14.28 -12.82 -6.40
CA VAL A 318 13.53 -14.06 -6.31
C VAL A 318 14.38 -15.17 -5.69
N LEU A 319 15.65 -15.23 -6.09
CA LEU A 319 16.54 -16.26 -5.55
C LEU A 319 16.74 -16.01 -4.07
N ARG A 320 16.96 -14.75 -3.70
CA ARG A 320 17.17 -14.42 -2.29
C ARG A 320 15.92 -14.61 -1.43
N ALA A 321 14.76 -14.43 -2.04
CA ALA A 321 13.48 -14.57 -1.35
C ALA A 321 13.17 -16.01 -0.91
N GLY A 322 13.59 -16.98 -1.70
CA GLY A 322 13.32 -18.37 -1.33
C GLY A 322 11.82 -18.61 -1.27
N ASP A 323 11.34 -19.10 -0.13
CA ASP A 323 9.92 -19.40 0.04
C ASP A 323 9.04 -18.23 0.49
N ARG A 324 9.61 -17.02 0.54
CA ARG A 324 8.86 -15.84 0.93
C ARG A 324 8.02 -15.35 -0.24
N GLU A 325 6.79 -15.85 -0.32
CA GLU A 325 5.88 -15.50 -1.40
C GLU A 325 5.45 -14.03 -1.41
N ASP A 326 5.65 -13.31 -0.31
CA ASP A 326 5.30 -11.88 -0.27
C ASP A 326 6.25 -11.15 -1.19
N ILE A 327 7.41 -11.77 -1.41
CA ILE A 327 8.41 -11.18 -2.28
C ILE A 327 8.36 -11.81 -3.68
N THR A 328 8.36 -13.14 -3.76
CA THR A 328 8.36 -13.80 -5.07
C THR A 328 7.15 -13.49 -5.95
N GLU A 329 5.95 -13.45 -5.37
CA GLU A 329 4.77 -13.18 -6.18
C GLU A 329 4.86 -11.84 -6.92
N PRO A 330 5.12 -10.74 -6.20
CA PRO A 330 5.20 -9.46 -6.92
C PRO A 330 6.44 -9.36 -7.83
N ALA A 331 7.52 -10.05 -7.47
CA ALA A 331 8.74 -10.01 -8.27
C ALA A 331 8.53 -10.80 -9.56
N ILE A 332 7.84 -11.92 -9.45
CA ILE A 332 7.52 -12.77 -10.58
C ILE A 332 6.52 -12.06 -11.49
N CYS A 333 5.58 -11.33 -10.90
CA CYS A 333 4.59 -10.59 -11.71
C CYS A 333 5.33 -9.50 -12.47
N ALA A 334 6.27 -8.84 -11.81
CA ALA A 334 7.06 -7.78 -12.45
C ALA A 334 7.77 -8.38 -13.65
N LEU A 335 8.47 -9.50 -13.43
CA LEU A 335 9.18 -10.17 -14.52
C LEU A 335 8.21 -10.56 -15.64
N ARG A 336 6.98 -10.92 -15.28
CA ARG A 336 6.00 -11.29 -16.29
C ARG A 336 5.67 -10.05 -17.14
N HIS A 337 5.49 -8.92 -16.48
CA HIS A 337 5.18 -7.68 -17.17
C HIS A 337 6.34 -7.25 -18.05
N LEU A 338 7.54 -7.41 -17.54
CA LEU A 338 8.75 -7.03 -18.26
C LEU A 338 9.09 -7.92 -19.45
N THR A 339 8.55 -9.12 -19.47
CA THR A 339 8.83 -10.03 -20.58
C THR A 339 7.68 -10.03 -21.57
N SER A 340 6.98 -8.91 -21.67
CA SER A 340 5.84 -8.84 -22.58
C SER A 340 5.45 -7.46 -23.07
N ARG A 341 5.05 -7.41 -24.33
CA ARG A 341 4.55 -6.19 -24.97
C ARG A 341 5.31 -4.87 -24.83
N HIS A 342 6.56 -4.85 -25.28
CA HIS A 342 7.36 -3.64 -25.28
C HIS A 342 8.65 -3.93 -26.04
N GLN A 343 9.33 -2.89 -26.49
CA GLN A 343 10.56 -3.07 -27.27
C GLN A 343 11.55 -4.10 -26.72
N GLU A 344 11.87 -3.99 -25.43
CA GLU A 344 12.83 -4.90 -24.83
C GLU A 344 12.27 -6.19 -24.24
N ALA A 345 11.03 -6.52 -24.58
CA ALA A 345 10.41 -7.72 -24.04
C ALA A 345 11.20 -8.99 -24.35
N GLU A 346 11.55 -9.20 -25.61
CA GLU A 346 12.28 -10.40 -25.98
C GLU A 346 13.68 -10.45 -25.38
N MET A 347 14.38 -9.32 -25.37
CA MET A 347 15.71 -9.30 -24.77
C MET A 347 15.53 -9.67 -23.28
N ALA A 348 14.43 -9.19 -22.68
CA ALA A 348 14.13 -9.48 -21.28
C ALA A 348 13.93 -10.98 -21.08
N GLN A 349 13.19 -11.61 -21.99
CA GLN A 349 12.94 -13.06 -21.91
C GLN A 349 14.27 -13.80 -21.93
N ASN A 350 15.18 -13.31 -22.77
CA ASN A 350 16.49 -13.91 -22.90
C ASN A 350 17.36 -13.65 -21.68
N ALA A 351 17.33 -12.43 -21.16
CA ALA A 351 18.11 -12.07 -20.00
C ALA A 351 17.76 -12.89 -18.74
N VAL A 352 16.49 -13.28 -18.60
CA VAL A 352 16.13 -14.07 -17.43
C VAL A 352 16.95 -15.35 -17.41
N ARG A 353 17.14 -15.94 -18.58
CA ARG A 353 17.92 -17.16 -18.66
C ARG A 353 19.39 -16.87 -18.34
N LEU A 354 19.90 -15.76 -18.89
CA LEU A 354 21.30 -15.38 -18.68
C LEU A 354 21.64 -15.10 -17.22
N HIS A 355 20.68 -14.58 -16.46
CA HIS A 355 20.94 -14.29 -15.06
C HIS A 355 20.55 -15.46 -14.16
N TYR A 356 20.49 -16.63 -14.75
CA TYR A 356 20.18 -17.87 -14.05
C TYR A 356 18.83 -17.91 -13.33
N GLY A 357 17.81 -17.36 -13.95
CA GLY A 357 16.49 -17.36 -13.33
C GLY A 357 15.60 -18.54 -13.70
N LEU A 358 15.88 -19.21 -14.81
CA LEU A 358 15.02 -20.33 -15.21
C LEU A 358 14.88 -21.40 -14.12
N PRO A 359 16.00 -21.87 -13.55
CA PRO A 359 15.86 -22.89 -12.51
C PRO A 359 14.91 -22.51 -11.37
N VAL A 360 15.04 -21.32 -10.82
CA VAL A 360 14.18 -20.90 -9.72
C VAL A 360 12.74 -20.67 -10.17
N VAL A 361 12.57 -20.13 -11.37
CA VAL A 361 11.23 -19.89 -11.91
C VAL A 361 10.43 -21.17 -11.97
N VAL A 362 11.06 -22.25 -12.45
CA VAL A 362 10.37 -23.53 -12.55
C VAL A 362 10.13 -24.10 -11.15
N LYS A 363 11.09 -23.89 -10.25
CA LYS A 363 10.98 -24.38 -8.89
C LYS A 363 9.74 -23.81 -8.22
N LEU A 364 9.43 -22.55 -8.53
CA LEU A 364 8.29 -21.89 -7.95
C LEU A 364 6.95 -22.52 -8.29
N LEU A 365 6.94 -23.43 -9.26
CA LEU A 365 5.71 -24.11 -9.65
C LEU A 365 5.32 -25.19 -8.65
N HIS A 366 6.28 -25.62 -7.83
CA HIS A 366 6.05 -26.68 -6.85
C HIS A 366 5.79 -26.17 -5.43
N PRO A 367 5.33 -27.08 -4.53
CA PRO A 367 5.07 -26.70 -3.15
C PRO A 367 6.38 -26.21 -2.55
N PRO A 368 6.33 -25.39 -1.49
CA PRO A 368 5.16 -24.86 -0.78
C PRO A 368 4.39 -23.75 -1.50
N SER A 369 4.74 -23.50 -2.75
CA SER A 369 4.06 -22.42 -3.48
C SER A 369 2.54 -22.52 -3.50
N HIS A 370 1.89 -21.39 -3.20
CA HIS A 370 0.43 -21.32 -3.21
C HIS A 370 -0.06 -20.87 -4.59
N TRP A 371 -1.34 -21.08 -4.87
CA TRP A 371 -1.92 -20.73 -6.16
C TRP A 371 -1.62 -19.35 -6.72
N PRO A 372 -1.70 -18.28 -5.90
CA PRO A 372 -1.41 -16.96 -6.45
C PRO A 372 -0.03 -16.92 -7.12
N LEU A 373 0.97 -17.44 -6.43
CA LEU A 373 2.33 -17.48 -6.96
C LEU A 373 2.40 -18.47 -8.13
N ILE A 374 1.65 -19.55 -8.05
CA ILE A 374 1.65 -20.54 -9.12
C ILE A 374 1.11 -19.91 -10.42
N LYS A 375 0.02 -19.16 -10.30
CA LYS A 375 -0.58 -18.51 -11.46
C LYS A 375 0.37 -17.51 -12.12
N ALA A 376 1.06 -16.71 -11.30
CA ALA A 376 2.00 -15.72 -11.82
C ALA A 376 3.19 -16.37 -12.49
N THR A 377 3.67 -17.47 -11.90
CA THR A 377 4.81 -18.18 -12.43
C THR A 377 4.48 -18.85 -13.77
N VAL A 378 3.27 -19.40 -13.89
CA VAL A 378 2.87 -20.03 -15.13
C VAL A 378 2.83 -18.94 -16.21
N GLY A 379 2.33 -17.76 -15.83
CA GLY A 379 2.27 -16.65 -16.77
C GLY A 379 3.65 -16.26 -17.26
N LEU A 380 4.61 -16.14 -16.33
CA LEU A 380 5.96 -15.78 -16.71
C LEU A 380 6.59 -16.81 -17.66
N ILE A 381 6.40 -18.09 -17.35
CA ILE A 381 6.95 -19.17 -18.15
C ILE A 381 6.39 -19.15 -19.57
N ARG A 382 5.13 -18.77 -19.69
CA ARG A 382 4.45 -18.66 -20.97
C ARG A 382 5.21 -17.61 -21.79
N ASN A 383 5.60 -16.52 -21.13
CA ASN A 383 6.35 -15.44 -21.77
C ASN A 383 7.78 -15.89 -22.11
N LEU A 384 8.44 -16.54 -21.14
CA LEU A 384 9.80 -17.01 -21.35
C LEU A 384 9.89 -18.02 -22.49
N ALA A 385 8.86 -18.84 -22.62
CA ALA A 385 8.79 -19.84 -23.67
C ALA A 385 8.80 -19.23 -25.07
N LEU A 386 8.49 -17.94 -25.18
CA LEU A 386 8.50 -17.29 -26.48
C LEU A 386 9.91 -17.21 -27.05
N CYS A 387 10.92 -17.25 -26.17
CA CYS A 387 12.31 -17.20 -26.60
C CYS A 387 12.77 -18.63 -26.83
N PRO A 388 13.02 -19.02 -28.09
CA PRO A 388 13.46 -20.38 -28.42
C PRO A 388 14.60 -20.91 -27.54
N ALA A 389 15.52 -20.04 -27.13
CA ALA A 389 16.65 -20.49 -26.30
C ALA A 389 16.25 -20.95 -24.90
N ASN A 390 15.03 -20.67 -24.49
CA ASN A 390 14.58 -21.09 -23.15
C ASN A 390 13.88 -22.45 -23.17
N HIS A 391 13.56 -22.95 -24.36
CA HIS A 391 12.86 -24.22 -24.51
C HIS A 391 13.57 -25.42 -23.87
N ALA A 392 14.84 -25.61 -24.22
CA ALA A 392 15.61 -26.71 -23.67
C ALA A 392 15.80 -26.55 -22.16
N PRO A 393 16.28 -25.38 -21.71
CA PRO A 393 16.49 -25.15 -20.28
C PRO A 393 15.23 -25.43 -19.46
N LEU A 394 14.10 -24.93 -19.92
CA LEU A 394 12.83 -25.12 -19.22
C LEU A 394 12.46 -26.60 -19.16
N ARG A 395 12.73 -27.31 -20.25
CA ARG A 395 12.43 -28.74 -20.29
C ARG A 395 13.37 -29.45 -19.31
N GLU A 396 14.64 -29.11 -19.38
CA GLU A 396 15.66 -29.69 -18.52
C GLU A 396 15.36 -29.46 -17.05
N GLN A 397 14.60 -28.41 -16.73
CA GLN A 397 14.26 -28.11 -15.35
C GLN A 397 12.98 -28.79 -14.87
N GLY A 398 12.33 -29.53 -15.78
CA GLY A 398 11.12 -30.25 -15.42
C GLY A 398 9.85 -29.43 -15.46
N ALA A 399 9.82 -28.42 -16.32
CA ALA A 399 8.65 -27.56 -16.45
C ALA A 399 7.41 -28.26 -17.00
N ILE A 400 7.57 -28.97 -18.11
CA ILE A 400 6.45 -29.65 -18.76
C ILE A 400 5.62 -30.60 -17.89
N PRO A 401 6.27 -31.57 -17.24
CA PRO A 401 5.52 -32.51 -16.38
C PRO A 401 4.69 -31.78 -15.34
N ARG A 402 5.34 -30.89 -14.59
CA ARG A 402 4.67 -30.13 -13.56
C ARG A 402 3.55 -29.27 -14.12
N LEU A 403 3.76 -28.68 -15.29
CA LEU A 403 2.72 -27.84 -15.88
C LEU A 403 1.49 -28.70 -16.20
N VAL A 404 1.75 -29.94 -16.60
CA VAL A 404 0.67 -30.89 -16.92
C VAL A 404 -0.08 -31.26 -15.64
N GLN A 405 0.69 -31.50 -14.57
CA GLN A 405 0.12 -31.84 -13.26
C GLN A 405 -0.88 -30.80 -12.80
N LEU A 406 -0.45 -29.53 -12.84
CA LEU A 406 -1.27 -28.41 -12.43
C LEU A 406 -2.50 -28.31 -13.31
N LEU A 407 -2.34 -28.63 -14.59
CA LEU A 407 -3.45 -28.59 -15.53
C LEU A 407 -4.48 -29.66 -15.16
N VAL A 408 -4.02 -30.90 -15.04
CA VAL A 408 -4.91 -32.01 -14.68
C VAL A 408 -5.64 -31.72 -13.38
N ARG A 409 -4.87 -31.44 -12.33
CA ARG A 409 -5.44 -31.13 -11.02
C ARG A 409 -6.46 -30.00 -11.13
N ALA A 410 -6.11 -28.94 -11.85
CA ALA A 410 -6.99 -27.79 -12.02
C ALA A 410 -8.25 -28.11 -12.82
N HIS A 411 -8.08 -28.86 -13.91
CA HIS A 411 -9.20 -29.26 -14.76
C HIS A 411 -10.24 -30.07 -13.99
N GLN A 412 -9.76 -30.94 -13.11
CA GLN A 412 -10.64 -31.78 -12.30
C GLN A 412 -11.50 -30.95 -11.36
N ASP A 413 -10.90 -29.98 -10.68
CA ASP A 413 -11.64 -29.12 -9.76
C ASP A 413 -12.66 -28.30 -10.55
N THR A 414 -12.41 -28.12 -11.85
CA THR A 414 -13.31 -27.37 -12.70
C THR A 414 -14.59 -28.16 -12.98
N GLN A 415 -14.42 -29.39 -13.44
CA GLN A 415 -15.55 -30.25 -13.76
C GLN A 415 -16.27 -30.71 -12.50
N ARG A 416 -15.52 -30.95 -11.43
CA ARG A 416 -16.10 -31.39 -10.17
C ARG A 416 -16.89 -30.29 -9.48
N ARG A 417 -17.41 -29.35 -10.27
CA ARG A 417 -18.19 -28.24 -9.73
C ARG A 417 -19.43 -28.00 -10.59
N GLN A 426 -16.33 -19.50 -8.38
CA GLN A 426 -15.60 -20.12 -7.28
C GLN A 426 -14.14 -19.69 -7.28
N PHE A 427 -13.54 -19.64 -6.09
CA PHE A 427 -12.15 -19.24 -5.93
C PHE A 427 -11.43 -20.12 -4.91
N VAL A 428 -10.25 -20.61 -5.29
CA VAL A 428 -9.44 -21.44 -4.41
C VAL A 428 -8.11 -20.72 -4.20
N GLU A 429 -7.80 -20.38 -2.95
CA GLU A 429 -6.58 -19.66 -2.63
C GLU A 429 -6.75 -18.23 -3.14
N GLY A 430 -7.94 -17.93 -3.65
CA GLY A 430 -8.22 -16.62 -4.19
C GLY A 430 -7.96 -16.63 -5.68
N VAL A 431 -7.85 -17.83 -6.24
CA VAL A 431 -7.58 -18.02 -7.66
C VAL A 431 -8.60 -18.98 -8.27
N ARG A 432 -9.10 -18.66 -9.45
CA ARG A 432 -10.07 -19.52 -10.13
C ARG A 432 -9.33 -20.60 -10.93
N MET A 433 -9.61 -21.86 -10.64
CA MET A 433 -8.96 -22.96 -11.34
C MET A 433 -9.10 -22.89 -12.85
N GLU A 434 -10.02 -22.05 -13.34
CA GLU A 434 -10.20 -21.90 -14.78
C GLU A 434 -9.03 -21.13 -15.36
N GLU A 435 -8.46 -20.25 -14.54
CA GLU A 435 -7.33 -19.44 -14.96
C GLU A 435 -6.10 -20.33 -15.06
N ILE A 436 -5.98 -21.27 -14.13
CA ILE A 436 -4.85 -22.20 -14.12
C ILE A 436 -4.92 -23.05 -15.38
N VAL A 437 -6.12 -23.51 -15.69
CA VAL A 437 -6.33 -24.34 -16.87
C VAL A 437 -5.84 -23.68 -18.15
N GLU A 438 -6.29 -22.47 -18.44
CA GLU A 438 -5.82 -21.84 -19.67
C GLU A 438 -4.38 -21.35 -19.56
N GLY A 439 -3.96 -21.05 -18.34
CA GLY A 439 -2.59 -20.59 -18.13
C GLY A 439 -1.61 -21.71 -18.44
N CYS A 440 -1.88 -22.89 -17.88
CA CYS A 440 -1.01 -24.03 -18.10
C CYS A 440 -1.06 -24.50 -19.56
N THR A 441 -2.27 -24.54 -20.12
CA THR A 441 -2.41 -24.95 -21.52
C THR A 441 -1.72 -23.92 -22.40
N GLY A 442 -1.87 -22.65 -22.04
CA GLY A 442 -1.24 -21.58 -22.80
C GLY A 442 0.27 -21.70 -22.79
N ALA A 443 0.82 -22.12 -21.65
CA ALA A 443 2.27 -22.29 -21.51
C ALA A 443 2.71 -23.49 -22.35
N LEU A 444 1.96 -24.59 -22.26
CA LEU A 444 2.27 -25.79 -23.01
C LEU A 444 2.10 -25.54 -24.51
N HIS A 445 1.21 -24.62 -24.84
CA HIS A 445 0.96 -24.25 -26.23
C HIS A 445 2.26 -23.72 -26.86
N ILE A 446 2.92 -22.81 -26.14
CA ILE A 446 4.15 -22.21 -26.63
C ILE A 446 5.34 -23.18 -26.59
N LEU A 447 5.49 -23.91 -25.49
CA LEU A 447 6.60 -24.86 -25.37
C LEU A 447 6.54 -25.93 -26.47
N ALA A 448 5.33 -26.18 -26.98
CA ALA A 448 5.12 -27.16 -28.03
C ALA A 448 5.69 -26.74 -29.39
N ARG A 449 6.31 -25.56 -29.43
CA ARG A 449 6.91 -25.09 -30.68
C ARG A 449 8.24 -25.80 -30.87
N ASP A 450 8.65 -26.57 -29.86
CA ASP A 450 9.90 -27.30 -29.89
C ASP A 450 9.66 -28.82 -30.07
N VAL A 451 10.41 -29.42 -31.00
CA VAL A 451 10.28 -30.85 -31.29
C VAL A 451 10.39 -31.71 -30.03
N HIS A 452 11.48 -31.55 -29.29
CA HIS A 452 11.73 -32.32 -28.07
C HIS A 452 10.63 -32.11 -27.05
N ASN A 453 10.15 -30.87 -26.94
CA ASN A 453 9.08 -30.58 -25.99
C ASN A 453 7.81 -31.31 -26.43
N ARG A 454 7.58 -31.38 -27.73
CA ARG A 454 6.40 -32.05 -28.25
C ARG A 454 6.44 -33.53 -27.90
N ILE A 455 7.64 -34.10 -27.93
CA ILE A 455 7.82 -35.52 -27.60
C ILE A 455 7.43 -35.74 -26.15
N VAL A 456 7.85 -34.82 -25.28
CA VAL A 456 7.55 -34.92 -23.86
C VAL A 456 6.07 -34.71 -23.56
N ILE A 457 5.50 -33.66 -24.14
CA ILE A 457 4.10 -33.35 -23.93
C ILE A 457 3.18 -34.51 -24.35
N ARG A 458 3.40 -35.03 -25.55
CA ARG A 458 2.58 -36.13 -26.05
C ARG A 458 2.87 -37.39 -25.22
N GLY A 459 4.11 -37.54 -24.79
CA GLY A 459 4.48 -38.69 -23.98
C GLY A 459 3.75 -38.76 -22.65
N LEU A 460 3.15 -37.63 -22.25
CA LEU A 460 2.43 -37.57 -20.98
C LEU A 460 0.93 -37.85 -21.08
N ASN A 461 0.49 -38.38 -22.21
CA ASN A 461 -0.93 -38.69 -22.41
C ASN A 461 -1.81 -37.46 -22.19
N THR A 462 -1.46 -36.37 -22.84
CA THR A 462 -2.20 -35.12 -22.69
C THR A 462 -3.27 -34.89 -23.76
N ILE A 463 -3.03 -35.38 -24.97
CA ILE A 463 -3.96 -35.23 -26.09
C ILE A 463 -5.44 -35.42 -25.71
N PRO A 464 -5.75 -36.48 -24.95
CA PRO A 464 -7.15 -36.69 -24.57
C PRO A 464 -7.70 -35.50 -23.80
N LEU A 465 -6.86 -34.94 -22.93
CA LEU A 465 -7.26 -33.79 -22.12
C LEU A 465 -7.45 -32.57 -23.01
N PHE A 466 -6.49 -32.31 -23.89
CA PHE A 466 -6.56 -31.17 -24.79
C PHE A 466 -7.84 -31.22 -25.62
N VAL A 467 -8.13 -32.38 -26.19
CA VAL A 467 -9.35 -32.52 -26.99
C VAL A 467 -10.54 -32.19 -26.09
N GLN A 468 -10.48 -32.68 -24.86
CA GLN A 468 -11.55 -32.43 -23.89
C GLN A 468 -11.77 -30.91 -23.73
N LEU A 469 -10.66 -30.18 -23.57
CA LEU A 469 -10.72 -28.74 -23.39
C LEU A 469 -11.39 -27.98 -24.54
N LEU A 470 -11.41 -28.59 -25.73
CA LEU A 470 -12.05 -27.93 -26.86
C LEU A 470 -13.55 -27.70 -26.58
N TYR A 471 -14.12 -28.52 -25.69
CA TYR A 471 -15.54 -28.38 -25.35
C TYR A 471 -15.79 -27.36 -24.26
N SER A 472 -14.74 -26.76 -23.74
CA SER A 472 -14.91 -25.75 -22.70
C SER A 472 -15.75 -24.60 -23.26
N PRO A 473 -16.53 -23.93 -22.40
CA PRO A 473 -17.34 -22.82 -22.88
C PRO A 473 -16.54 -21.53 -22.89
N ILE A 474 -15.41 -21.53 -22.18
CA ILE A 474 -14.54 -20.36 -22.13
C ILE A 474 -13.69 -20.35 -23.40
N GLU A 475 -13.91 -19.35 -24.25
CA GLU A 475 -13.20 -19.24 -25.52
C GLU A 475 -11.68 -19.27 -25.35
N ASN A 476 -11.18 -18.60 -24.32
CA ASN A 476 -9.74 -18.57 -24.06
C ASN A 476 -9.17 -19.98 -23.89
N ILE A 477 -9.94 -20.87 -23.28
CA ILE A 477 -9.53 -22.26 -23.08
C ILE A 477 -9.53 -22.96 -24.43
N GLN A 478 -10.61 -22.74 -25.17
CA GLN A 478 -10.79 -23.31 -26.50
C GLN A 478 -9.55 -23.00 -27.33
N ARG A 479 -9.23 -21.70 -27.37
CA ARG A 479 -8.11 -21.18 -28.13
C ARG A 479 -6.78 -21.82 -27.78
N VAL A 480 -6.41 -21.83 -26.50
CA VAL A 480 -5.14 -22.42 -26.11
C VAL A 480 -5.11 -23.95 -26.30
N ALA A 481 -6.28 -24.58 -26.24
CA ALA A 481 -6.37 -26.02 -26.43
C ALA A 481 -6.16 -26.31 -27.92
N ALA A 482 -6.84 -25.53 -28.75
CA ALA A 482 -6.72 -25.71 -30.19
C ALA A 482 -5.28 -25.41 -30.58
N GLY A 483 -4.69 -24.43 -29.89
CA GLY A 483 -3.33 -24.03 -30.14
C GLY A 483 -2.28 -25.11 -29.92
N VAL A 484 -2.31 -25.76 -28.76
CA VAL A 484 -1.34 -26.81 -28.47
C VAL A 484 -1.55 -27.97 -29.44
N LEU A 485 -2.82 -28.33 -29.69
CA LEU A 485 -3.15 -29.41 -30.61
C LEU A 485 -2.56 -29.13 -31.98
N CYS A 486 -2.66 -27.88 -32.41
CA CYS A 486 -2.14 -27.47 -33.70
C CYS A 486 -0.63 -27.66 -33.80
N GLU A 487 0.09 -27.25 -32.75
CA GLU A 487 1.55 -27.38 -32.71
C GLU A 487 1.91 -28.85 -32.72
N LEU A 488 1.20 -29.63 -31.91
CA LEU A 488 1.41 -31.06 -31.79
C LEU A 488 1.15 -31.77 -33.12
N ALA A 489 0.08 -31.36 -33.81
CA ALA A 489 -0.31 -31.97 -35.07
C ALA A 489 0.64 -31.77 -36.25
N GLN A 490 1.76 -31.09 -36.05
CA GLN A 490 2.69 -30.90 -37.17
C GLN A 490 3.50 -32.17 -37.41
N ASP A 491 3.45 -33.09 -36.45
CA ASP A 491 4.14 -34.38 -36.57
C ASP A 491 3.05 -35.40 -36.90
N LYS A 492 3.27 -36.14 -37.98
CA LYS A 492 2.31 -37.13 -38.45
C LYS A 492 1.73 -38.05 -37.38
N GLU A 493 2.58 -38.62 -36.54
CA GLU A 493 2.15 -39.52 -35.49
C GLU A 493 1.13 -38.86 -34.56
N ALA A 494 1.48 -37.68 -34.06
CA ALA A 494 0.61 -36.93 -33.17
C ALA A 494 -0.71 -36.56 -33.86
N ALA A 495 -0.62 -36.18 -35.13
CA ALA A 495 -1.81 -35.81 -35.90
C ALA A 495 -2.82 -36.94 -35.92
N GLU A 496 -2.38 -38.13 -36.29
CA GLU A 496 -3.29 -39.26 -36.36
C GLU A 496 -3.85 -39.60 -34.98
N ALA A 497 -3.03 -39.41 -33.95
CA ALA A 497 -3.44 -39.67 -32.58
C ALA A 497 -4.53 -38.68 -32.17
N ILE A 498 -4.37 -37.43 -32.59
CA ILE A 498 -5.35 -36.41 -32.27
C ILE A 498 -6.64 -36.74 -33.01
N GLU A 499 -6.50 -37.05 -34.30
CA GLU A 499 -7.64 -37.40 -35.13
C GLU A 499 -8.34 -38.60 -34.51
N ALA A 500 -7.55 -39.60 -34.12
CA ALA A 500 -8.04 -40.83 -33.51
C ALA A 500 -8.67 -40.58 -32.15
N GLU A 501 -8.42 -39.42 -31.59
CA GLU A 501 -8.96 -39.09 -30.27
C GLU A 501 -10.34 -38.43 -30.39
N GLY A 502 -10.78 -38.20 -31.64
CA GLY A 502 -12.08 -37.59 -31.86
C GLY A 502 -12.09 -36.07 -31.83
N ALA A 503 -10.98 -35.46 -32.23
CA ALA A 503 -10.89 -34.00 -32.24
C ALA A 503 -11.63 -33.36 -33.41
N THR A 504 -11.81 -34.12 -34.50
CA THR A 504 -12.49 -33.63 -35.70
C THR A 504 -13.87 -33.00 -35.48
N ALA A 505 -14.71 -33.68 -34.70
CA ALA A 505 -16.06 -33.18 -34.45
C ALA A 505 -16.04 -31.83 -33.74
N PRO A 506 -15.40 -31.74 -32.56
CA PRO A 506 -15.38 -30.45 -31.87
C PRO A 506 -14.70 -29.33 -32.67
N LEU A 507 -13.60 -29.66 -33.36
CA LEU A 507 -12.88 -28.67 -34.15
C LEU A 507 -13.73 -28.11 -35.29
N THR A 508 -14.49 -28.99 -35.93
CA THR A 508 -15.34 -28.56 -37.04
C THR A 508 -16.33 -27.49 -36.58
N GLU A 509 -16.74 -27.58 -35.32
CA GLU A 509 -17.69 -26.62 -34.76
C GLU A 509 -16.97 -25.32 -34.42
N LEU A 510 -15.79 -25.43 -33.81
CA LEU A 510 -15.01 -24.25 -33.43
C LEU A 510 -14.54 -23.51 -34.69
N LEU A 511 -14.56 -24.23 -35.81
CA LEU A 511 -14.15 -23.69 -37.09
C LEU A 511 -15.01 -22.46 -37.42
N HIS A 512 -16.22 -22.46 -36.86
CA HIS A 512 -17.20 -21.40 -37.07
C HIS A 512 -17.28 -20.41 -35.90
N SER A 513 -16.26 -20.36 -35.06
CA SER A 513 -16.28 -19.44 -33.92
C SER A 513 -16.06 -18.00 -34.37
N ARG A 514 -16.75 -17.06 -33.73
CA ARG A 514 -16.59 -15.66 -34.11
C ARG A 514 -15.29 -15.14 -33.53
N ASN A 515 -14.60 -16.00 -32.78
CA ASN A 515 -13.31 -15.66 -32.18
C ASN A 515 -12.21 -16.00 -33.18
N GLU A 516 -11.54 -14.97 -33.69
CA GLU A 516 -10.47 -15.12 -34.67
C GLU A 516 -9.51 -16.25 -34.35
N GLY A 517 -8.92 -16.19 -33.15
CA GLY A 517 -7.96 -17.19 -32.72
C GLY A 517 -8.49 -18.61 -32.70
N VAL A 518 -9.67 -18.79 -32.13
CA VAL A 518 -10.29 -20.10 -32.04
C VAL A 518 -10.46 -20.70 -33.44
N ALA A 519 -11.11 -19.94 -34.33
CA ALA A 519 -11.35 -20.41 -35.69
C ALA A 519 -10.08 -20.67 -36.49
N THR A 520 -9.08 -19.84 -36.30
CA THR A 520 -7.81 -20.02 -37.01
C THR A 520 -7.09 -21.28 -36.55
N TYR A 521 -6.92 -21.45 -35.26
CA TYR A 521 -6.25 -22.65 -34.76
C TYR A 521 -7.04 -23.89 -35.15
N ALA A 522 -8.35 -23.85 -34.98
CA ALA A 522 -9.22 -24.98 -35.32
C ALA A 522 -9.03 -25.44 -36.77
N ALA A 523 -9.00 -24.49 -37.69
CA ALA A 523 -8.81 -24.82 -39.11
C ALA A 523 -7.43 -25.42 -39.32
N ALA A 524 -6.46 -24.90 -38.56
CA ALA A 524 -5.09 -25.35 -38.65
C ALA A 524 -4.96 -26.81 -38.24
N VAL A 525 -5.60 -27.18 -37.13
CA VAL A 525 -5.51 -28.57 -36.67
C VAL A 525 -6.13 -29.48 -37.73
N LEU A 526 -7.28 -29.10 -38.27
CA LEU A 526 -7.94 -29.89 -39.30
C LEU A 526 -7.04 -30.03 -40.53
N PHE A 527 -6.44 -28.93 -40.95
CA PHE A 527 -5.54 -28.97 -42.10
C PHE A 527 -4.39 -29.93 -41.85
N ARG A 528 -3.72 -29.78 -40.71
CA ARG A 528 -2.59 -30.63 -40.35
C ARG A 528 -2.98 -32.11 -40.34
N MET A 529 -4.11 -32.44 -39.72
CA MET A 529 -4.54 -33.83 -39.66
C MET A 529 -4.78 -34.49 -41.02
N SER A 530 -4.94 -33.67 -42.06
CA SER A 530 -5.19 -34.19 -43.40
C SER A 530 -4.04 -34.10 -44.39
N GLU A 531 -2.85 -33.71 -43.91
CA GLU A 531 -1.69 -33.61 -44.78
C GLU A 531 -1.20 -35.01 -45.20
N ASP A 532 -2.01 -35.80 -45.72
N ALA B 4 -2.93 -9.67 -20.79
CA ALA B 4 -2.64 -8.32 -20.24
C ALA B 4 -2.03 -8.40 -18.84
N ASP B 5 -1.37 -7.32 -18.42
CA ASP B 5 -0.74 -7.28 -17.10
C ASP B 5 -1.78 -7.01 -16.01
N THR B 6 -1.56 -7.57 -14.83
CA THR B 6 -2.52 -7.39 -13.74
C THR B 6 -1.96 -6.63 -12.54
N LEU B 7 -2.84 -5.88 -11.88
CA LEU B 7 -2.48 -5.10 -10.71
C LEU B 7 -2.57 -5.90 -9.42
N LEU B 8 -1.71 -5.55 -8.47
CA LEU B 8 -1.72 -6.17 -7.15
C LEU B 8 -2.22 -5.05 -6.25
N HIS B 9 -3.36 -5.26 -5.61
CA HIS B 9 -3.97 -4.25 -4.76
C HIS B 9 -3.51 -4.30 -3.30
N PHE B 10 -2.71 -3.32 -2.93
CA PHE B 10 -2.18 -3.23 -1.58
C PHE B 10 -2.92 -2.17 -0.77
N ALA B 11 -3.13 -2.45 0.52
CA ALA B 11 -3.80 -1.50 1.38
C ALA B 11 -3.34 -1.71 2.80
N THR B 12 -2.03 -1.58 3.02
CA THR B 12 -1.44 -1.77 4.33
C THR B 12 -1.56 -0.50 5.14
N GLU B 13 -2.35 -0.55 6.21
CA GLU B 13 -2.58 0.61 7.06
C GLU B 13 -1.87 0.44 8.41
N SER B 14 -2.08 -0.71 9.03
CA SER B 14 -1.46 -1.03 10.31
C SER B 14 -0.06 -1.52 9.99
N THR B 15 0.93 -0.77 10.46
CA THR B 15 2.33 -1.07 10.21
C THR B 15 3.14 -1.52 11.43
N PRO B 16 4.07 -2.48 11.25
CA PRO B 16 4.90 -2.98 12.34
C PRO B 16 5.35 -1.88 13.31
N ASP B 17 4.89 -1.99 14.56
CA ASP B 17 5.19 -1.02 15.61
C ASP B 17 6.67 -0.59 15.64
N GLY B 18 7.55 -1.51 16.01
CA GLY B 18 8.97 -1.18 16.07
C GLY B 18 9.26 -0.05 17.04
N LEU B 25 8.18 12.67 19.67
CA LEU B 25 8.07 13.97 19.04
C LEU B 25 8.55 15.05 20.00
N ALA B 27 8.89 18.45 21.88
CA ALA B 27 7.91 19.41 22.38
C ALA B 27 8.06 20.78 21.74
N LEU B 28 6.95 21.51 21.68
CA LEU B 28 6.97 22.83 21.07
C LEU B 28 7.71 23.84 21.95
N LEU B 30 7.82 26.69 24.00
CA LEU B 30 6.91 27.49 24.83
C LEU B 30 7.56 27.86 26.15
N ASP B 31 7.19 29.01 26.70
CA ASP B 31 7.74 29.44 27.97
C ASP B 31 7.00 28.76 29.11
N GLU B 32 7.40 27.53 29.41
CA GLU B 32 6.78 26.76 30.47
C GLU B 32 7.82 25.86 31.10
N PRO B 33 7.62 25.48 32.36
CA PRO B 33 8.58 24.61 33.02
C PRO B 33 8.36 23.20 32.45
N PHE B 34 9.41 22.41 32.34
CA PHE B 34 9.22 21.05 31.84
C PHE B 34 8.38 20.33 32.88
N ILE B 35 7.34 19.64 32.43
CA ILE B 35 6.49 18.91 33.35
C ILE B 35 6.48 17.44 32.94
N GLN B 36 6.79 16.58 33.91
CA GLN B 36 6.80 15.14 33.67
C GLN B 36 5.37 14.63 33.56
N LYS B 37 5.10 13.88 32.52
CA LYS B 37 3.76 13.34 32.31
C LYS B 37 3.56 12.10 33.20
N ASP B 38 2.33 11.89 33.68
CA ASP B 38 2.02 10.75 34.54
C ASP B 38 2.68 9.46 34.06
N VAL B 39 3.35 8.77 34.98
CA VAL B 39 4.06 7.53 34.66
C VAL B 39 3.21 6.57 33.84
N GLU B 40 1.92 6.44 34.17
CA GLU B 40 1.05 5.55 33.42
C GLU B 40 0.88 5.99 31.97
N LEU B 41 0.92 7.29 31.73
CA LEU B 41 0.76 7.80 30.37
C LEU B 41 2.00 7.52 29.51
N ARG B 42 3.08 7.07 30.14
CA ARG B 42 4.31 6.78 29.42
C ARG B 42 4.59 5.29 29.30
N ILE B 43 3.89 4.46 30.07
CA ILE B 43 4.09 3.01 30.01
C ILE B 43 2.91 2.32 29.33
N MET B 44 1.83 3.07 29.11
CA MET B 44 0.66 2.53 28.44
C MET B 44 0.55 3.15 27.05
N PRO B 45 0.36 2.31 26.02
CA PRO B 45 0.23 2.78 24.64
C PRO B 45 -0.91 3.80 24.53
N PRO B 46 -1.01 4.48 23.36
CA PRO B 46 -2.07 5.46 23.15
C PRO B 46 -3.44 4.80 23.22
N VAL B 47 -4.48 5.57 23.56
CA VAL B 47 -5.83 5.04 23.65
C VAL B 47 -6.45 4.75 22.28
#